data_3GQ5
#
_entry.id   3GQ5
#
_cell.length_a   45.240
_cell.length_b   94.443
_cell.length_c   104.471
_cell.angle_alpha   90.000
_cell.angle_beta   90.000
_cell.angle_gamma   90.000
#
_symmetry.space_group_name_H-M   'P 21 21 21'
#
loop_
_entity.id
_entity.type
_entity.pdbx_description
1 polymer 'DNA glycosylase'
2 polymer "DNA (5'-D(*A*GP*GP*TP*AP*GP*AP*CP*CP*CP*GP*GP*AP*CP*GP*C)-3')"
3 polymer "DNA (5'-D(*TP*GP*CP*GP*T*CP*CP*GP*GP*GP*TP*CP*TP*AP*CP*C)-3')"
4 non-polymer 'ZINC ION'
5 non-polymer GLYCEROL
6 water water
#
loop_
_entity_poly.entity_id
_entity_poly.type
_entity_poly.pdbx_seq_one_letter_code
_entity_poly.pdbx_strand_id
1 'polypeptide(L)'
;PELPEVETIRRTLLPLIVGKTIEDVRIFWPNIIRHPRDSEAFAARMIGQTVRGLERRGKFLKFLLDRDALISHLRMEGRY
AVASALEPLEPHTHVVFCFTDGSELRYRDVRKFGTMHVYAKEEADRRPPLAELGPEPLSPAFSPAVLAERAVKTKRSVKA
LLLDCTVVAGFGNIYVDESLFRAGILPGRPAASLSSKEIERLHEEMVATIGEAVMKGGSTVRPYVNTQGEAGTFQHHLYV
YGRQGNPCKRCGTPIEKTVVAGRGTHYCPRCQR
;
A
2 'polydeoxyribonucleotide' (DA)(DG)(DG)(DT)(DA)(DG)(DA)(DC)(DC)(DC)(DG)(DG)(DA)(DC)(DG)(DC) B
3 'polydeoxyribonucleotide' (DT)(DG)(DC)(DG)(DT)(DC)(DC)(DG)(DG)(DG)(DT)(DC)(DT)(DA)(DC)(DC) C
#
# COMPACT_ATOMS: atom_id res chain seq x y z
N PRO A 1 0.34 -6.34 3.67
CA PRO A 1 -1.07 -6.02 3.53
C PRO A 1 -1.41 -5.18 2.29
N GLU A 2 -2.57 -5.44 1.69
CA GLU A 2 -3.10 -4.60 0.62
C GLU A 2 -3.71 -3.32 1.20
N LEU A 3 -4.08 -2.37 0.32
CA LEU A 3 -4.58 -1.06 0.76
C LEU A 3 -5.70 -1.13 1.80
N PRO A 4 -6.74 -1.96 1.55
CA PRO A 4 -7.82 -2.09 2.53
C PRO A 4 -7.35 -2.58 3.90
N GLU A 5 -6.40 -3.52 3.94
CA GLU A 5 -5.89 -3.98 5.22
C GLU A 5 -5.05 -2.89 5.91
N VAL A 6 -4.32 -2.12 5.12
CA VAL A 6 -3.56 -0.99 5.66
C VAL A 6 -4.52 0.05 6.27
N GLU A 7 -5.64 0.29 5.59
CA GLU A 7 -6.66 1.15 6.15
C GLU A 7 -7.21 0.61 7.49
N THR A 8 -7.46 -0.70 7.57
CA THR A 8 -7.89 -1.32 8.87
C THR A 8 -6.80 -1.15 9.97
N ILE A 9 -5.54 -1.33 9.60
CA ILE A 9 -4.43 -1.10 10.54
C ILE A 9 -4.41 0.34 11.05
N ARG A 10 -4.52 1.30 10.13
CA ARG A 10 -4.56 2.72 10.50
C ARG A 10 -5.65 3.00 11.51
N ARG A 11 -6.85 2.54 11.19
CA ARG A 11 -8.03 2.78 12.00
C ARG A 11 -7.91 2.14 13.37
N THR A 12 -7.39 0.92 13.42
CA THR A 12 -7.24 0.14 14.64
C THR A 12 -6.10 0.62 15.52
N LEU A 13 -4.98 0.96 14.90
CA LEU A 13 -3.77 1.31 15.64
C LEU A 13 -3.87 2.67 16.29
N LEU A 14 -4.48 3.62 15.60
CA LEU A 14 -4.53 5.00 16.10
C LEU A 14 -4.93 5.14 17.60
N PRO A 15 -6.10 4.61 18.01
CA PRO A 15 -6.50 4.83 19.42
C PRO A 15 -5.54 4.21 20.44
N LEU A 16 -4.75 3.23 20.00
CA LEU A 16 -3.79 2.50 20.84
C LEU A 16 -2.49 3.28 21.04
N ILE A 17 -2.26 4.29 20.19
CA ILE A 17 -1.04 5.07 20.34
C ILE A 17 -1.21 6.57 20.46
N VAL A 18 -2.39 7.09 20.13
CA VAL A 18 -2.54 8.55 20.12
C VAL A 18 -2.34 9.13 21.53
N GLY A 19 -1.66 10.27 21.61
CA GLY A 19 -1.40 10.95 22.87
C GLY A 19 -0.22 10.37 23.65
N LYS A 20 0.38 9.29 23.16
CA LYS A 20 1.53 8.69 23.89
C LYS A 20 2.83 9.37 23.50
N THR A 21 3.78 9.45 24.43
CA THR A 21 5.05 10.17 24.23
C THR A 21 6.19 9.17 24.09
N ILE A 22 7.03 9.34 23.06
CA ILE A 22 8.13 8.46 22.82
C ILE A 22 9.22 8.74 23.80
N GLU A 23 9.63 7.69 24.49
CA GLU A 23 10.76 7.79 25.47
C GLU A 23 12.06 7.16 24.93
N ASP A 24 11.94 6.16 24.06
CA ASP A 24 13.13 5.53 23.44
C ASP A 24 12.74 4.91 22.13
N VAL A 25 13.71 4.75 21.22
CA VAL A 25 13.45 4.02 19.97
C VAL A 25 14.59 3.01 19.84
N ARG A 26 14.25 1.73 19.76
CA ARG A 26 15.29 0.70 19.70
C ARG A 26 15.26 0.06 18.31
N ILE A 27 16.42 -0.06 17.68
CA ILE A 27 16.48 -0.52 16.32
C ILE A 27 17.39 -1.76 16.27
N PHE A 28 16.81 -2.88 15.84
CA PHE A 28 17.56 -4.16 15.78
C PHE A 28 18.00 -4.54 14.38
N TRP A 29 17.47 -3.86 13.38
CA TRP A 29 17.91 -3.99 11.99
C TRP A 29 17.91 -2.60 11.32
N PRO A 30 19.06 -1.91 11.35
CA PRO A 30 19.09 -0.52 10.90
C PRO A 30 18.75 -0.29 9.45
N ASN A 31 18.92 -1.29 8.59
CA ASN A 31 18.58 -1.15 7.16
C ASN A 31 17.10 -0.81 6.86
N ILE A 32 16.22 -1.09 7.82
CA ILE A 32 14.81 -0.71 7.75
C ILE A 32 14.67 0.80 7.65
N ILE A 33 15.54 1.49 8.37
CA ILE A 33 15.53 2.95 8.40
C ILE A 33 16.19 3.51 7.11
N ARG A 34 15.40 4.25 6.34
CA ARG A 34 15.87 4.79 5.08
C ARG A 34 16.16 6.29 5.11
N HIS A 35 15.51 7.00 6.03
CA HIS A 35 15.80 8.42 6.30
C HIS A 35 15.41 8.79 7.73
N PRO A 36 16.30 9.51 8.45
CA PRO A 36 17.69 9.85 8.12
C PRO A 36 18.48 8.61 7.80
N ARG A 37 19.56 8.76 7.03
CA ARG A 37 20.37 7.62 6.63
C ARG A 37 21.00 6.88 7.85
N ASP A 38 21.34 7.62 8.89
CA ASP A 38 21.88 7.06 10.12
C ASP A 38 20.74 6.67 11.07
N SER A 39 20.64 5.39 11.42
CA SER A 39 19.53 4.94 12.29
C SER A 39 19.62 5.58 13.69
N GLU A 40 20.83 5.95 14.13
CA GLU A 40 21.00 6.65 15.41
C GLU A 40 20.33 8.03 15.41
N ALA A 41 20.36 8.71 14.27
CA ALA A 41 19.68 10.03 14.13
C ALA A 41 18.17 9.85 14.12
N PHE A 42 17.71 8.80 13.42
CA PHE A 42 16.29 8.42 13.37
C PHE A 42 15.79 8.25 14.80
N ALA A 43 16.49 7.47 15.60
CA ALA A 43 15.99 7.17 16.96
C ALA A 43 16.04 8.45 17.83
N ALA A 44 17.15 9.16 17.75
CA ALA A 44 17.34 10.37 18.57
C ALA A 44 16.26 11.43 18.34
N ARG A 45 15.87 11.60 17.10
CA ARG A 45 15.00 12.69 16.76
C ARG A 45 13.54 12.46 17.23
N MET A 46 13.16 11.19 17.31
CA MET A 46 11.80 10.85 17.69
C MET A 46 11.55 10.90 19.19
N ILE A 47 12.61 10.78 19.98
CA ILE A 47 12.50 10.88 21.46
C ILE A 47 11.88 12.18 21.94
N GLY A 48 10.88 12.08 22.80
CA GLY A 48 10.25 13.25 23.35
C GLY A 48 9.05 13.75 22.54
N GLN A 49 8.86 13.22 21.34
CA GLN A 49 7.66 13.56 20.56
C GLN A 49 6.45 12.71 20.94
N THR A 50 5.27 13.33 20.82
CA THR A 50 3.98 12.68 21.10
C THR A 50 3.26 12.32 19.81
N VAL A 51 2.64 11.15 19.78
CA VAL A 51 1.87 10.72 18.60
C VAL A 51 0.55 11.49 18.56
N ARG A 52 0.33 12.20 17.45
CA ARG A 52 -0.86 13.07 17.33
C ARG A 52 -1.86 12.50 16.34
N GLY A 53 -1.39 11.72 15.38
CA GLY A 53 -2.30 11.23 14.35
C GLY A 53 -1.74 10.06 13.58
N LEU A 54 -2.58 9.46 12.74
CA LEU A 54 -2.14 8.38 11.87
C LEU A 54 -2.98 8.39 10.61
N GLU A 55 -2.31 8.60 9.49
CA GLU A 55 -2.94 8.69 8.18
C GLU A 55 -2.36 7.61 7.27
N ARG A 56 -3.04 7.40 6.14
CA ARG A 56 -2.62 6.42 5.14
C ARG A 56 -2.57 7.09 3.77
N ARG A 57 -1.53 6.78 3.00
N ARG A 57 -1.48 6.88 3.02
CA ARG A 57 -1.44 7.19 1.61
CA ARG A 57 -1.36 7.24 1.60
C ARG A 57 -0.97 6.02 0.81
C ARG A 57 -1.01 5.96 0.88
N GLY A 58 -1.86 5.50 -0.03
CA GLY A 58 -1.60 4.25 -0.74
C GLY A 58 -1.50 3.16 0.31
N LYS A 59 -0.39 2.41 0.28
CA LYS A 59 -0.13 1.41 1.33
C LYS A 59 0.83 1.93 2.42
N PHE A 60 1.17 3.21 2.37
CA PHE A 60 2.02 3.80 3.40
C PHE A 60 1.20 4.26 4.57
N LEU A 61 1.72 4.03 5.77
CA LEU A 61 1.19 4.66 6.97
C LEU A 61 2.06 5.87 7.28
N LYS A 62 1.38 6.96 7.64
CA LYS A 62 2.06 8.17 8.02
C LYS A 62 1.71 8.46 9.48
N PHE A 63 2.64 8.19 10.38
CA PHE A 63 2.44 8.54 11.81
C PHE A 63 2.79 9.98 12.00
N LEU A 64 1.85 10.78 12.53
CA LEU A 64 2.06 12.22 12.72
C LEU A 64 2.44 12.45 14.16
N LEU A 65 3.62 13.01 14.38
CA LEU A 65 4.13 13.28 15.74
C LEU A 65 4.04 14.79 15.97
N ASP A 66 4.82 15.31 16.89
CA ASP A 66 4.75 16.76 17.15
C ASP A 66 5.34 17.58 16.00
N ARG A 67 6.57 17.24 15.62
CA ARG A 67 7.31 17.95 14.61
C ARG A 67 7.42 17.09 13.35
N ASP A 68 7.59 15.78 13.54
CA ASP A 68 7.97 14.87 12.46
C ASP A 68 6.80 13.99 12.03
N ALA A 69 6.94 13.43 10.83
CA ALA A 69 6.07 12.38 10.32
C ALA A 69 6.95 11.17 10.10
N LEU A 70 6.49 10.01 10.56
CA LEU A 70 7.13 8.71 10.28
C LEU A 70 6.33 8.03 9.16
N ILE A 71 6.98 7.75 8.05
CA ILE A 71 6.32 7.08 6.90
C ILE A 71 6.79 5.64 6.90
N SER A 72 5.84 4.71 6.98
CA SER A 72 6.15 3.29 7.18
C SER A 72 5.50 2.45 6.06
N HIS A 73 6.22 1.50 5.49
CA HIS A 73 5.62 0.56 4.53
C HIS A 73 5.89 -0.84 5.05
N LEU A 74 4.85 -1.65 5.18
CA LEU A 74 4.97 -2.97 5.81
C LEU A 74 5.30 -4.06 4.76
N ARG A 75 5.21 -3.67 3.49
CA ARG A 75 5.32 -4.60 2.35
C ARG A 75 4.29 -5.71 2.59
N MET A 76 4.62 -6.96 2.31
CA MET A 76 3.60 -8.02 2.39
C MET A 76 3.51 -8.65 3.77
N GLU A 77 4.60 -8.61 4.54
CA GLU A 77 4.62 -9.32 5.84
C GLU A 77 4.88 -8.53 7.14
N GLY A 78 5.08 -7.22 7.01
CA GLY A 78 5.28 -6.36 8.18
C GLY A 78 4.03 -6.29 9.03
N ARG A 79 4.21 -6.14 10.35
CA ARG A 79 3.09 -6.06 11.27
C ARG A 79 3.44 -5.16 12.45
N TYR A 80 2.45 -4.40 12.92
CA TYR A 80 2.63 -3.55 14.11
C TYR A 80 1.79 -4.13 15.22
N ALA A 81 2.29 -3.99 16.45
CA ALA A 81 1.54 -4.41 17.64
C ALA A 81 1.85 -3.44 18.77
N VAL A 82 0.88 -3.19 19.65
CA VAL A 82 1.12 -2.38 20.87
C VAL A 82 1.10 -3.35 22.05
N ALA A 83 2.15 -3.31 22.88
CA ALA A 83 2.24 -4.27 23.96
C ALA A 83 3.12 -3.75 25.08
N SER A 84 3.14 -4.45 26.20
CA SER A 84 3.87 -3.96 27.38
C SER A 84 5.38 -4.13 27.24
N ALA A 85 6.15 -3.12 27.67
CA ALA A 85 7.61 -3.25 27.76
C ALA A 85 8.07 -4.39 28.71
N LEU A 86 7.18 -4.91 29.55
CA LEU A 86 7.53 -5.95 30.52
C LEU A 86 7.55 -7.34 29.92
N GLU A 87 6.97 -7.49 28.74
CA GLU A 87 6.79 -8.81 28.15
C GLU A 87 7.90 -9.05 27.10
N PRO A 88 8.30 -10.32 26.88
CA PRO A 88 9.29 -10.55 25.82
C PRO A 88 8.79 -10.16 24.43
N LEU A 89 9.68 -9.61 23.60
CA LEU A 89 9.36 -9.34 22.20
C LEU A 89 9.05 -10.62 21.42
N GLU A 90 8.20 -10.47 20.40
CA GLU A 90 7.89 -11.54 19.44
C GLU A 90 9.10 -11.73 18.52
N PRO A 91 9.24 -12.91 17.90
CA PRO A 91 10.36 -13.05 16.96
C PRO A 91 10.25 -12.09 15.80
N HIS A 92 11.40 -11.76 15.22
CA HIS A 92 11.50 -10.91 14.04
C HIS A 92 11.05 -9.46 14.31
N THR A 93 11.22 -8.97 15.53
CA THR A 93 10.91 -7.57 15.88
C THR A 93 12.15 -6.71 15.55
N HIS A 94 12.00 -5.77 14.63
CA HIS A 94 13.15 -4.99 14.16
C HIS A 94 13.25 -3.59 14.69
N VAL A 95 12.10 -3.01 15.07
CA VAL A 95 12.09 -1.64 15.58
C VAL A 95 11.01 -1.58 16.66
N VAL A 96 11.33 -0.91 17.76
CA VAL A 96 10.38 -0.70 18.86
C VAL A 96 10.40 0.74 19.28
N PHE A 97 9.22 1.34 19.36
CA PHE A 97 9.04 2.68 19.90
C PHE A 97 8.53 2.51 21.31
N CYS A 98 9.32 2.94 22.28
CA CYS A 98 8.97 2.82 23.70
C CYS A 98 8.29 4.09 24.18
N PHE A 99 7.10 3.95 24.76
CA PHE A 99 6.38 5.12 25.26
C PHE A 99 6.59 5.32 26.76
N THR A 100 6.36 6.54 27.24
CA THR A 100 6.55 6.89 28.65
C THR A 100 5.58 6.15 29.59
N ASP A 101 4.52 5.57 29.03
CA ASP A 101 3.55 4.82 29.89
C ASP A 101 3.89 3.33 29.99
N GLY A 102 5.07 2.95 29.48
CA GLY A 102 5.48 1.55 29.65
C GLY A 102 4.87 0.62 28.61
N SER A 103 4.17 1.18 27.60
CA SER A 103 3.74 0.42 26.43
C SER A 103 4.72 0.68 25.28
N GLU A 104 4.63 -0.14 24.24
CA GLU A 104 5.51 -0.05 23.09
C GLU A 104 4.74 -0.27 21.80
N LEU A 105 5.16 0.40 20.74
CA LEU A 105 4.71 0.08 19.39
C LEU A 105 5.83 -0.74 18.73
N ARG A 106 5.52 -1.96 18.34
CA ARG A 106 6.58 -2.85 17.83
C ARG A 106 6.33 -3.12 16.39
N TYR A 107 7.41 -3.07 15.60
CA TYR A 107 7.40 -3.43 14.21
C TYR A 107 8.10 -4.79 14.01
N ARG A 108 7.37 -5.76 13.46
CA ARG A 108 7.98 -7.06 13.18
C ARG A 108 7.78 -7.49 11.74
N ASP A 109 8.72 -8.26 11.22
CA ASP A 109 8.74 -8.55 9.79
C ASP A 109 9.67 -9.74 9.53
N VAL A 110 9.12 -10.91 9.31
CA VAL A 110 9.93 -12.13 8.99
C VAL A 110 10.80 -11.85 7.74
N ARG A 111 10.27 -11.06 6.81
CA ARG A 111 10.96 -10.81 5.54
C ARG A 111 11.95 -9.64 5.66
N LYS A 112 11.83 -8.85 6.72
CA LYS A 112 12.74 -7.73 6.95
C LYS A 112 12.75 -6.83 5.71
N PHE A 113 11.58 -6.66 5.10
CA PHE A 113 11.47 -6.00 3.79
C PHE A 113 10.87 -4.58 3.88
N GLY A 114 10.29 -4.26 5.03
CA GLY A 114 9.65 -2.96 5.24
C GLY A 114 10.61 -1.78 5.31
N THR A 115 10.06 -0.57 5.27
CA THR A 115 10.88 0.65 5.24
C THR A 115 10.30 1.70 6.17
N MET A 116 11.17 2.52 6.76
CA MET A 116 10.74 3.68 7.55
C MET A 116 11.51 4.93 7.16
N HIS A 117 10.79 6.04 6.99
CA HIS A 117 11.45 7.33 6.69
C HIS A 117 10.87 8.37 7.67
N VAL A 118 11.70 9.26 8.20
CA VAL A 118 11.18 10.33 9.07
C VAL A 118 11.64 11.68 8.50
N TYR A 119 10.69 12.61 8.37
CA TYR A 119 11.01 13.97 8.00
C TYR A 119 10.12 14.90 8.82
N ALA A 120 10.48 16.18 8.89
CA ALA A 120 9.54 17.19 9.33
C ALA A 120 8.21 17.01 8.60
N LYS A 121 7.10 17.14 9.34
CA LYS A 121 5.76 16.90 8.82
C LYS A 121 5.48 17.59 7.51
N GLU A 122 5.94 18.83 7.40
CA GLU A 122 5.67 19.65 6.21
C GLU A 122 6.46 19.25 4.97
N GLU A 123 7.49 18.43 5.17
CA GLU A 123 8.37 18.02 4.07
C GLU A 123 8.00 16.64 3.54
N ALA A 124 7.29 15.86 4.37
CA ALA A 124 7.04 14.45 4.08
C ALA A 124 6.46 14.20 2.68
N ASP A 125 5.44 14.99 2.30
CA ASP A 125 4.74 14.73 1.04
C ASP A 125 5.56 15.02 -0.22
N ARG A 126 6.66 15.77 -0.08
CA ARG A 126 7.48 16.10 -1.22
C ARG A 126 8.86 15.41 -1.22
N ARG A 127 8.99 14.40 -0.38
CA ARG A 127 10.21 13.62 -0.28
C ARG A 127 9.85 12.15 -0.52
N PRO A 128 10.85 11.30 -0.82
CA PRO A 128 10.56 9.86 -0.92
C PRO A 128 10.13 9.37 0.45
N PRO A 129 9.22 8.37 0.52
CA PRO A 129 8.63 7.67 -0.62
C PRO A 129 7.26 8.20 -1.09
N LEU A 130 6.77 9.29 -0.50
CA LEU A 130 5.42 9.77 -0.84
C LEU A 130 5.41 10.66 -2.07
N ALA A 131 6.55 11.32 -2.33
CA ALA A 131 6.70 12.19 -3.50
C ALA A 131 6.29 11.43 -4.76
N GLU A 132 5.44 12.04 -5.56
CA GLU A 132 5.03 11.47 -6.86
C GLU A 132 3.95 10.42 -6.77
N LEU A 133 3.58 10.01 -5.55
CA LEU A 133 2.49 9.04 -5.38
C LEU A 133 1.18 9.57 -6.01
N GLY A 134 0.49 8.72 -6.77
CA GLY A 134 -0.75 9.14 -7.46
C GLY A 134 -1.91 9.34 -6.49
N PRO A 135 -3.09 9.70 -7.01
CA PRO A 135 -4.25 9.94 -6.16
C PRO A 135 -4.79 8.69 -5.47
N GLU A 136 -5.41 8.87 -4.32
CA GLU A 136 -6.13 7.79 -3.65
C GLU A 136 -7.19 7.24 -4.61
N PRO A 137 -7.24 5.91 -4.78
CA PRO A 137 -8.22 5.37 -5.74
C PRO A 137 -9.68 5.67 -5.38
N LEU A 138 -9.94 5.91 -4.10
CA LEU A 138 -11.31 6.23 -3.70
C LEU A 138 -11.60 7.73 -3.63
N SER A 139 -10.63 8.55 -4.06
CA SER A 139 -10.81 9.99 -4.11
C SER A 139 -11.33 10.48 -5.47
N PRO A 140 -12.02 11.64 -5.49
CA PRO A 140 -12.43 12.21 -6.77
C PRO A 140 -11.23 12.60 -7.65
N ALA A 141 -10.06 12.78 -7.03
CA ALA A 141 -8.82 13.04 -7.76
C ALA A 141 -8.46 11.90 -8.72
N PHE A 142 -8.88 10.68 -8.40
CA PHE A 142 -8.75 9.57 -9.34
C PHE A 142 -10.04 9.45 -10.14
N SER A 143 -9.97 9.84 -11.41
CA SER A 143 -11.17 9.91 -12.25
C SER A 143 -10.93 9.25 -13.61
N PRO A 144 -12.02 8.94 -14.35
CA PRO A 144 -11.82 8.38 -15.68
C PRO A 144 -10.91 9.27 -16.53
N ALA A 145 -11.14 10.58 -16.44
CA ALA A 145 -10.36 11.56 -17.19
C ALA A 145 -8.86 11.50 -16.87
N VAL A 146 -8.54 11.38 -15.58
CA VAL A 146 -7.14 11.22 -15.16
C VAL A 146 -6.55 9.91 -15.72
N LEU A 147 -7.32 8.83 -15.66
CA LEU A 147 -6.90 7.55 -16.20
C LEU A 147 -6.70 7.59 -17.73
N ALA A 148 -7.67 8.16 -18.44
CA ALA A 148 -7.61 8.29 -19.92
C ALA A 148 -6.36 9.01 -20.38
N GLU A 149 -6.04 10.12 -19.71
CA GLU A 149 -4.87 10.96 -20.01
C GLU A 149 -3.56 10.17 -19.91
N ARG A 150 -3.42 9.38 -18.85
CA ARG A 150 -2.22 8.56 -18.70
C ARG A 150 -2.16 7.41 -19.70
N ALA A 151 -3.31 6.83 -20.02
CA ALA A 151 -3.36 5.70 -20.97
C ALA A 151 -2.98 6.09 -22.42
N VAL A 152 -3.48 7.23 -22.89
CA VAL A 152 -3.21 7.71 -24.25
C VAL A 152 -1.71 7.93 -24.54
N LYS A 153 -0.97 8.39 -23.53
CA LYS A 153 0.42 8.87 -23.68
C LYS A 153 1.51 7.78 -23.60
N THR A 154 1.12 6.54 -23.27
CA THR A 154 2.10 5.48 -23.01
C THR A 154 2.12 4.40 -24.10
N LYS A 155 3.26 3.72 -24.21
CA LYS A 155 3.38 2.50 -25.02
C LYS A 155 3.06 1.21 -24.23
N ARG A 156 2.88 1.33 -22.90
CA ARG A 156 2.79 0.17 -22.01
C ARG A 156 1.45 -0.54 -22.05
N SER A 157 1.44 -1.78 -21.53
CA SER A 157 0.21 -2.55 -21.35
C SER A 157 -0.65 -1.86 -20.31
N VAL A 158 -1.96 -2.14 -20.32
CA VAL A 158 -2.84 -1.58 -19.31
C VAL A 158 -2.47 -2.06 -17.89
N LYS A 159 -2.02 -3.32 -17.75
CA LYS A 159 -1.57 -3.80 -16.44
C LYS A 159 -0.42 -2.95 -15.90
N ALA A 160 0.59 -2.72 -16.73
CA ALA A 160 1.74 -1.90 -16.37
C ALA A 160 1.33 -0.50 -15.92
N LEU A 161 0.38 0.10 -16.64
CA LEU A 161 -0.13 1.41 -16.27
C LEU A 161 -0.73 1.40 -14.89
N LEU A 162 -1.57 0.39 -14.60
CA LEU A 162 -2.26 0.36 -13.32
C LEU A 162 -1.35 0.01 -12.14
N LEU A 163 -0.24 -0.65 -12.44
CA LEU A 163 0.76 -0.98 -11.40
C LEU A 163 1.70 0.21 -11.09
N ASP A 164 1.65 1.24 -11.92
CA ASP A 164 2.47 2.44 -11.75
C ASP A 164 1.91 3.30 -10.61
N CYS A 165 2.69 3.42 -9.54
CA CYS A 165 2.25 4.12 -8.34
C CYS A 165 1.95 5.63 -8.57
N THR A 166 2.45 6.22 -9.65
CA THR A 166 2.18 7.63 -9.98
C THR A 166 0.81 7.82 -10.64
N VAL A 167 0.21 6.71 -11.10
CA VAL A 167 -1.09 6.74 -11.77
C VAL A 167 -2.18 6.77 -10.70
N VAL A 168 -2.07 5.85 -9.74
CA VAL A 168 -3.04 5.70 -8.67
C VAL A 168 -2.31 5.02 -7.54
N ALA A 169 -2.66 5.40 -6.32
CA ALA A 169 -1.91 4.97 -5.13
C ALA A 169 -2.30 3.60 -4.65
N GLY A 170 -1.31 2.74 -4.44
CA GLY A 170 -1.49 1.48 -3.72
C GLY A 170 -2.29 0.36 -4.34
N PHE A 171 -2.43 0.37 -5.67
CA PHE A 171 -3.02 -0.71 -6.46
C PHE A 171 -1.92 -1.73 -6.76
N GLY A 172 -2.04 -2.90 -6.18
CA GLY A 172 -1.05 -3.92 -6.39
C GLY A 172 -1.51 -4.96 -7.37
N ASN A 173 -0.72 -6.02 -7.48
CA ASN A 173 -0.90 -7.07 -8.45
C ASN A 173 -2.28 -7.76 -8.37
N ILE A 174 -2.72 -8.04 -7.16
CA ILE A 174 -4.01 -8.72 -6.97
C ILE A 174 -5.20 -7.87 -7.47
N TYR A 175 -5.29 -6.61 -7.03
CA TYR A 175 -6.42 -5.75 -7.40
C TYR A 175 -6.37 -5.29 -8.86
N VAL A 176 -5.17 -5.17 -9.41
CA VAL A 176 -5.01 -4.95 -10.83
C VAL A 176 -5.66 -6.11 -11.64
N ASP A 177 -5.25 -7.34 -11.37
CA ASP A 177 -5.86 -8.51 -12.05
C ASP A 177 -7.36 -8.62 -11.85
N GLU A 178 -7.82 -8.40 -10.62
CA GLU A 178 -9.24 -8.52 -10.31
C GLU A 178 -10.06 -7.42 -10.99
N SER A 179 -9.55 -6.19 -10.98
CA SER A 179 -10.24 -5.05 -11.62
C SER A 179 -10.33 -5.25 -13.12
N LEU A 180 -9.24 -5.68 -13.74
CA LEU A 180 -9.26 -5.95 -15.19
C LEU A 180 -10.26 -7.04 -15.56
N PHE A 181 -10.35 -8.08 -14.73
CA PHE A 181 -11.35 -9.13 -14.97
C PHE A 181 -12.76 -8.58 -14.90
N ARG A 182 -13.03 -7.81 -13.85
CA ARG A 182 -14.38 -7.25 -13.64
C ARG A 182 -14.79 -6.24 -14.70
N ALA A 183 -13.80 -5.61 -15.33
CA ALA A 183 -14.00 -4.67 -16.43
C ALA A 183 -14.01 -5.31 -17.82
N GLY A 184 -13.61 -6.58 -17.91
CA GLY A 184 -13.64 -7.33 -19.17
C GLY A 184 -12.50 -6.99 -20.12
N ILE A 185 -11.36 -6.63 -19.55
CA ILE A 185 -10.22 -6.12 -20.34
C ILE A 185 -9.00 -7.00 -20.12
N LEU A 186 -8.39 -7.48 -21.21
CA LEU A 186 -7.16 -8.27 -21.10
C LEU A 186 -5.99 -7.44 -20.55
N PRO A 187 -5.22 -8.02 -19.61
CA PRO A 187 -4.15 -7.25 -18.97
C PRO A 187 -3.01 -6.84 -19.92
N GLY A 188 -2.79 -7.65 -20.96
CA GLY A 188 -1.76 -7.35 -21.96
C GLY A 188 -2.12 -6.36 -23.07
N ARG A 189 -3.39 -5.95 -23.15
CA ARG A 189 -3.80 -4.86 -24.05
C ARG A 189 -2.92 -3.61 -23.83
N PRO A 190 -2.45 -2.96 -24.92
CA PRO A 190 -1.78 -1.66 -24.71
C PRO A 190 -2.77 -0.66 -24.12
N ALA A 191 -2.31 0.14 -23.15
CA ALA A 191 -3.16 1.11 -22.47
C ALA A 191 -3.81 2.08 -23.46
N ALA A 192 -3.08 2.42 -24.52
CA ALA A 192 -3.57 3.38 -25.51
C ALA A 192 -4.64 2.80 -26.44
N SER A 193 -4.87 1.49 -26.37
CA SER A 193 -5.89 0.81 -27.21
C SER A 193 -7.27 0.76 -26.56
N LEU A 194 -7.37 1.11 -25.28
CA LEU A 194 -8.66 1.13 -24.60
C LEU A 194 -9.56 2.26 -25.10
N SER A 195 -10.78 1.92 -25.46
CA SER A 195 -11.78 2.94 -25.79
C SER A 195 -12.17 3.75 -24.55
N SER A 196 -12.83 4.88 -24.79
CA SER A 196 -13.43 5.72 -23.75
C SER A 196 -14.38 4.91 -22.85
N LYS A 197 -15.19 4.06 -23.47
CA LYS A 197 -16.09 3.14 -22.74
C LYS A 197 -15.30 2.20 -21.81
N GLU A 198 -14.16 1.72 -22.31
CA GLU A 198 -13.34 0.77 -21.55
C GLU A 198 -12.67 1.46 -20.36
N ILE A 199 -12.18 2.68 -20.58
CA ILE A 199 -11.58 3.48 -19.48
C ILE A 199 -12.59 3.78 -18.38
N GLU A 200 -13.78 4.22 -18.78
CA GLU A 200 -14.87 4.45 -17.83
C GLU A 200 -15.22 3.17 -17.02
N ARG A 201 -15.34 2.05 -17.71
CA ARG A 201 -15.68 0.78 -17.06
C ARG A 201 -14.55 0.32 -16.11
N LEU A 202 -13.31 0.44 -16.57
CA LEU A 202 -12.15 0.09 -15.75
C LEU A 202 -12.09 0.94 -14.48
N HIS A 203 -12.28 2.26 -14.63
CA HIS A 203 -12.31 3.14 -13.45
C HIS A 203 -13.38 2.68 -12.44
N GLU A 204 -14.58 2.42 -12.95
CA GLU A 204 -15.68 1.99 -12.11
C GLU A 204 -15.32 0.71 -11.34
N GLU A 205 -14.69 -0.24 -12.02
CA GLU A 205 -14.38 -1.53 -11.39
C GLU A 205 -13.22 -1.45 -10.43
N MET A 206 -12.23 -0.60 -10.72
CA MET A 206 -11.15 -0.32 -9.78
C MET A 206 -11.69 0.23 -8.46
N VAL A 207 -12.58 1.20 -8.55
CA VAL A 207 -13.17 1.82 -7.38
C VAL A 207 -14.00 0.80 -6.60
N ALA A 208 -14.81 0.02 -7.32
CA ALA A 208 -15.65 -1.02 -6.73
C ALA A 208 -14.81 -2.09 -6.01
N THR A 209 -13.73 -2.51 -6.67
CA THR A 209 -12.84 -3.54 -6.16
C THR A 209 -12.21 -3.12 -4.82
N ILE A 210 -11.60 -1.92 -4.81
CA ILE A 210 -10.99 -1.35 -3.60
C ILE A 210 -12.05 -1.00 -2.56
N GLY A 211 -13.14 -0.37 -3.02
CA GLY A 211 -14.21 0.11 -2.15
C GLY A 211 -14.90 -1.00 -1.35
N GLU A 212 -15.21 -2.10 -2.02
CA GLU A 212 -15.83 -3.26 -1.39
C GLU A 212 -14.93 -3.92 -0.34
N ALA A 213 -13.63 -3.99 -0.61
CA ALA A 213 -12.67 -4.58 0.33
C ALA A 213 -12.43 -3.70 1.55
N VAL A 214 -12.48 -2.37 1.37
CA VAL A 214 -12.25 -1.44 2.49
C VAL A 214 -13.46 -1.38 3.44
N MET A 215 -14.63 -1.76 2.92
CA MET A 215 -15.86 -1.87 3.71
C MET A 215 -15.74 -2.93 4.81
N HIS A 237 -13.51 -13.24 -1.52
CA HIS A 237 -13.75 -13.93 -2.78
C HIS A 237 -13.00 -13.25 -3.93
N LEU A 238 -12.32 -14.06 -4.76
CA LEU A 238 -11.51 -13.57 -5.87
C LEU A 238 -11.99 -14.29 -7.14
N TYR A 239 -11.93 -13.58 -8.26
CA TYR A 239 -12.35 -14.13 -9.52
C TYR A 239 -11.24 -14.83 -10.28
N VAL A 240 -10.04 -14.22 -10.28
CA VAL A 240 -8.94 -14.73 -11.11
C VAL A 240 -7.59 -14.92 -10.37
N TYR A 241 -7.29 -14.05 -9.42
CA TYR A 241 -5.96 -14.09 -8.80
C TYR A 241 -5.68 -15.42 -8.10
N GLY A 242 -4.61 -16.10 -8.50
CA GLY A 242 -4.23 -17.39 -7.93
C GLY A 242 -5.12 -18.57 -8.30
N ARG A 243 -6.05 -18.34 -9.21
CA ARG A 243 -7.10 -19.30 -9.54
C ARG A 243 -6.83 -20.03 -10.85
N GLN A 244 -5.62 -19.89 -11.42
CA GLN A 244 -5.28 -20.56 -12.68
C GLN A 244 -5.59 -22.06 -12.71
N GLY A 245 -6.20 -22.51 -13.81
CA GLY A 245 -6.63 -23.88 -13.96
C GLY A 245 -8.03 -24.15 -13.45
N ASN A 246 -8.55 -23.29 -12.58
CA ASN A 246 -9.88 -23.45 -12.03
C ASN A 246 -10.87 -22.70 -12.92
N PRO A 247 -12.17 -23.07 -12.82
CA PRO A 247 -13.15 -22.42 -13.69
C PRO A 247 -13.46 -20.96 -13.31
N CYS A 248 -13.62 -20.14 -14.34
CA CYS A 248 -14.10 -18.80 -14.17
C CYS A 248 -15.46 -18.83 -13.49
N LYS A 249 -15.65 -17.92 -12.54
CA LYS A 249 -16.87 -17.89 -11.71
C LYS A 249 -18.05 -17.34 -12.50
N ARG A 250 -17.75 -16.67 -13.62
CA ARG A 250 -18.78 -16.09 -14.47
C ARG A 250 -19.09 -16.90 -15.73
N CYS A 251 -18.09 -17.58 -16.31
CA CYS A 251 -18.39 -18.29 -17.59
C CYS A 251 -17.92 -19.73 -17.58
N GLY A 252 -17.17 -20.12 -16.55
CA GLY A 252 -16.70 -21.50 -16.40
C GLY A 252 -15.43 -21.86 -17.15
N THR A 253 -14.92 -20.95 -17.98
CA THR A 253 -13.65 -21.12 -18.70
C THR A 253 -12.47 -21.19 -17.73
N PRO A 254 -11.50 -22.12 -17.96
CA PRO A 254 -10.33 -22.14 -17.08
C PRO A 254 -9.58 -20.83 -17.07
N ILE A 255 -9.33 -20.31 -15.86
CA ILE A 255 -8.47 -19.17 -15.68
C ILE A 255 -7.05 -19.53 -16.08
N GLU A 256 -6.38 -18.58 -16.73
CA GLU A 256 -5.01 -18.79 -17.15
C GLU A 256 -4.08 -17.81 -16.43
N LYS A 257 -2.79 -18.17 -16.40
CA LYS A 257 -1.74 -17.36 -15.79
C LYS A 257 -0.62 -17.20 -16.80
N THR A 258 -0.19 -15.94 -17.00
CA THR A 258 0.97 -15.61 -17.83
C THR A 258 1.85 -14.59 -17.13
N VAL A 259 2.86 -14.09 -17.83
CA VAL A 259 3.66 -12.98 -17.33
C VAL A 259 3.38 -11.72 -18.15
N VAL A 260 2.98 -10.66 -17.46
CA VAL A 260 2.71 -9.36 -18.07
C VAL A 260 3.32 -8.33 -17.14
N ALA A 261 4.19 -7.48 -17.70
CA ALA A 261 4.88 -6.43 -16.94
C ALA A 261 5.70 -7.02 -15.79
N GLY A 262 6.35 -8.16 -16.04
CA GLY A 262 7.11 -8.91 -15.03
C GLY A 262 6.35 -9.21 -13.75
N ARG A 263 5.10 -9.64 -13.89
CA ARG A 263 4.28 -10.02 -12.75
C ARG A 263 3.45 -11.25 -13.11
N GLY A 264 3.12 -12.04 -12.08
CA GLY A 264 2.17 -13.14 -12.25
C GLY A 264 0.83 -12.51 -12.60
N THR A 265 0.25 -12.94 -13.72
CA THR A 265 -0.95 -12.31 -14.29
C THR A 265 -2.02 -13.36 -14.61
N HIS A 266 -3.22 -13.14 -14.06
CA HIS A 266 -4.29 -14.12 -14.05
C HIS A 266 -5.49 -13.50 -14.77
N TYR A 267 -6.12 -14.26 -15.66
CA TYR A 267 -7.20 -13.69 -16.46
C TYR A 267 -8.10 -14.78 -17.07
N CYS A 268 -9.34 -14.42 -17.37
CA CYS A 268 -10.26 -15.28 -18.11
C CYS A 268 -10.20 -14.90 -19.59
N PRO A 269 -9.81 -15.88 -20.45
CA PRO A 269 -9.63 -15.54 -21.86
C PRO A 269 -10.96 -15.35 -22.62
N ARG A 270 -12.08 -15.74 -21.99
CA ARG A 270 -13.39 -15.48 -22.57
C ARG A 270 -14.01 -14.16 -22.10
N CYS A 271 -14.03 -13.92 -20.79
CA CYS A 271 -14.62 -12.71 -20.22
C CYS A 271 -13.83 -11.45 -20.56
N GLN A 272 -12.51 -11.58 -20.68
CA GLN A 272 -11.63 -10.43 -20.92
C GLN A 272 -11.23 -10.34 -22.39
N ARG A 273 -11.30 -9.13 -22.92
CA ARG A 273 -11.02 -8.86 -24.33
C ARG A 273 -10.01 -7.72 -24.55
#